data_8PAF
#
_entry.id   8PAF
#
_cell.length_a   79.192
_cell.length_b   46.550
_cell.length_c   64.105
_cell.angle_alpha   90.000
_cell.angle_beta   94.844
_cell.angle_gamma   90.000
#
_symmetry.space_group_name_H-M   'C 1 2 1'
#
loop_
_entity.id
_entity.type
_entity.pdbx_description
1 polymer 'Histidine triad nucleotide-binding protein 1'
2 non-polymer "5'-O-[N-(3-Indolepropionic acid)sulfamoyl] 2-aminoethenoadenosine"
3 water water
#
_entity_poly.entity_id   1
_entity_poly.type   'polypeptide(L)'
_entity_poly.pdbx_seq_one_letter_code
;MADEIAKAQVARPGGDTIFGKIIRKEIPAKIIFEDDRCLAFHDISPQAPTHFLVIPKKHISQISVAEDDDESLLGHLMIV
GKKCAADLGLNKGYRMVVNEGSDGGQSVYHVHLHVLGGRQMHWPPG
;
_entity_poly.pdbx_strand_id   A,B
#
loop_
_chem_comp.id
_chem_comp.type
_chem_comp.name
_chem_comp.formula
XKK non-polymer '5'-O-[N-(3-Indolepropionic acid)sulfamoyl] 2-aminoethenoadenosine' 'C23 H24 N8 O7 S'
#
# COMPACT_ATOMS: atom_id res chain seq x y z
N ARG A 12 16.09 19.51 -13.98
CA ARG A 12 14.98 19.29 -13.01
C ARG A 12 14.69 17.79 -12.88
N PRO A 13 15.48 17.07 -12.04
CA PRO A 13 15.18 15.70 -11.64
C PRO A 13 13.94 15.59 -10.74
N GLY A 14 13.09 14.59 -11.00
CA GLY A 14 11.90 14.37 -10.20
C GLY A 14 10.61 14.73 -10.95
N GLY A 15 10.77 15.33 -12.14
CA GLY A 15 9.64 15.69 -13.00
C GLY A 15 9.02 17.03 -12.60
N ASP A 16 7.99 17.46 -13.35
CA ASP A 16 7.29 18.69 -13.02
C ASP A 16 5.83 18.44 -12.66
N THR A 17 5.51 17.21 -12.17
CA THR A 17 4.30 17.08 -11.36
C THR A 17 4.52 17.99 -10.17
N ILE A 18 3.44 18.37 -9.52
CA ILE A 18 3.47 19.06 -8.23
C ILE A 18 4.43 18.42 -7.23
N PHE A 19 4.53 17.08 -7.23
CA PHE A 19 5.36 16.33 -6.29
C PHE A 19 6.83 16.49 -6.66
N GLY A 20 7.12 16.51 -7.95
CA GLY A 20 8.47 16.77 -8.40
C GLY A 20 8.96 18.15 -7.96
N LYS A 21 8.05 19.13 -7.89
CA LYS A 21 8.41 20.46 -7.45
C LYS A 21 8.54 20.51 -5.93
N ILE A 22 7.78 19.70 -5.19
CA ILE A 22 7.91 19.65 -3.74
C ILE A 22 9.28 19.04 -3.41
N ILE A 23 9.67 17.96 -4.10
CA ILE A 23 10.97 17.36 -3.88
C ILE A 23 12.10 18.40 -4.03
N ARG A 24 12.02 19.26 -5.05
CA ARG A 24 13.05 20.26 -5.28
C ARG A 24 12.85 21.56 -4.46
N LYS A 25 11.94 21.55 -3.46
CA LYS A 25 11.70 22.70 -2.58
C LYS A 25 11.27 23.94 -3.38
N GLU A 26 10.63 23.72 -4.54
CA GLU A 26 10.10 24.79 -5.37
C GLU A 26 8.67 25.13 -4.94
N ILE A 27 8.00 24.18 -4.29
CA ILE A 27 6.69 24.41 -3.73
C ILE A 27 6.68 23.96 -2.27
N PRO A 28 6.12 24.76 -1.35
CA PRO A 28 6.26 24.49 0.08
C PRO A 28 5.40 23.29 0.46
N ALA A 29 5.83 22.57 1.49
CA ALA A 29 5.05 21.50 2.06
C ALA A 29 5.50 21.35 3.50
N LYS A 30 4.68 20.61 4.25
CA LYS A 30 4.97 20.30 5.64
C LYS A 30 5.57 18.91 5.73
N ILE A 31 6.91 18.91 5.74
CA ILE A 31 7.70 17.69 5.61
C ILE A 31 7.88 17.05 6.97
N ILE A 32 7.66 15.74 7.01
CA ILE A 32 7.73 14.93 8.21
C ILE A 32 9.10 14.25 8.23
N PHE A 33 9.51 13.75 7.05
CA PHE A 33 10.71 12.95 6.93
C PHE A 33 11.27 13.07 5.53
N GLU A 34 12.61 13.00 5.43
CA GLU A 34 13.30 13.02 4.15
C GLU A 34 14.56 12.15 4.24
N ASP A 35 14.81 11.34 3.20
CA ASP A 35 16.09 10.69 2.99
C ASP A 35 16.43 10.77 1.51
N ASP A 36 17.47 10.03 1.13
CA ASP A 36 17.93 10.01 -0.25
C ASP A 36 16.93 9.35 -1.21
N ARG A 37 15.98 8.56 -0.68
N ARG A 37 15.99 8.55 -0.70
CA ARG A 37 15.10 7.77 -1.54
CA ARG A 37 15.09 7.79 -1.57
C ARG A 37 13.64 8.22 -1.51
C ARG A 37 13.67 8.34 -1.59
N CYS A 38 13.25 9.07 -0.55
CA CYS A 38 11.85 9.45 -0.42
C CYS A 38 11.63 10.67 0.48
N LEU A 39 10.38 11.12 0.51
CA LEU A 39 9.96 12.31 1.23
C LEU A 39 8.54 12.04 1.76
N ALA A 40 8.31 12.34 3.04
CA ALA A 40 7.00 12.21 3.65
C ALA A 40 6.49 13.60 4.05
N PHE A 41 5.25 13.91 3.68
CA PHE A 41 4.72 15.22 3.96
C PHE A 41 3.20 15.14 4.08
N HIS A 42 2.63 16.09 4.84
CA HIS A 42 1.20 16.16 5.10
C HIS A 42 0.42 16.51 3.82
N ASP A 43 -0.73 15.88 3.66
CA ASP A 43 -1.58 16.08 2.50
C ASP A 43 -2.33 17.41 2.66
N ILE A 44 -2.53 18.13 1.57
CA ILE A 44 -3.16 19.45 1.61
C ILE A 44 -4.69 19.32 1.75
N SER A 45 -5.28 18.17 1.38
CA SER A 45 -6.72 17.93 1.55
C SER A 45 -6.96 16.70 2.41
N PRO A 46 -6.65 16.75 3.71
CA PRO A 46 -6.67 15.56 4.56
C PRO A 46 -8.06 14.92 4.72
N GLN A 47 -8.10 13.57 4.63
CA GLN A 47 -9.36 12.83 4.67
C GLN A 47 -9.53 12.16 6.04
N ALA A 48 -8.56 12.35 6.94
CA ALA A 48 -8.58 11.84 8.30
C ALA A 48 -7.83 12.83 9.19
N PRO A 49 -7.96 12.77 10.53
CA PRO A 49 -7.26 13.75 11.37
C PRO A 49 -5.76 13.81 11.09
N THR A 50 -5.14 12.66 10.78
CA THR A 50 -3.79 12.62 10.20
C THR A 50 -3.85 11.97 8.81
N HIS A 51 -3.26 12.65 7.83
CA HIS A 51 -3.21 12.18 6.45
C HIS A 51 -1.95 12.74 5.79
N PHE A 52 -0.99 11.86 5.50
CA PHE A 52 0.26 12.30 4.90
C PHE A 52 0.59 11.38 3.76
N LEU A 53 1.57 11.77 2.94
CA LEU A 53 1.99 11.04 1.76
C LEU A 53 3.46 10.66 1.91
N VAL A 54 3.85 9.47 1.43
CA VAL A 54 5.25 9.09 1.25
C VAL A 54 5.50 8.90 -0.25
N ILE A 55 6.47 9.65 -0.78
CA ILE A 55 6.71 9.59 -2.20
C ILE A 55 8.17 9.24 -2.43
N PRO A 56 8.47 8.56 -3.54
CA PRO A 56 9.86 8.42 -3.98
C PRO A 56 10.41 9.70 -4.58
N LYS A 57 11.70 9.92 -4.47
CA LYS A 57 12.35 11.01 -5.17
C LYS A 57 12.53 10.67 -6.65
N LYS A 58 12.74 9.39 -6.94
CA LYS A 58 12.71 8.88 -8.30
C LYS A 58 11.30 9.01 -8.84
N HIS A 59 11.17 9.67 -10.00
CA HIS A 59 9.87 9.85 -10.61
C HIS A 59 9.47 8.56 -11.31
N ILE A 60 8.41 7.93 -10.80
CA ILE A 60 7.68 6.83 -11.39
C ILE A 60 6.25 7.35 -11.49
N SER A 61 5.63 7.26 -12.67
CA SER A 61 4.36 7.92 -12.89
C SER A 61 3.21 7.30 -12.08
N GLN A 62 3.22 5.97 -11.98
CA GLN A 62 2.15 5.19 -11.38
C GLN A 62 2.64 3.76 -11.15
N ILE A 63 1.97 3.05 -10.24
CA ILE A 63 2.42 1.75 -9.80
C ILE A 63 2.38 0.75 -10.95
N SER A 64 1.44 0.94 -11.89
CA SER A 64 1.31 0.02 -13.01
C SER A 64 2.55 0.01 -13.91
N VAL A 65 3.40 1.03 -13.84
CA VAL A 65 4.58 1.06 -14.70
C VAL A 65 5.88 0.91 -13.89
N ALA A 66 5.76 0.58 -12.60
CA ALA A 66 6.93 0.36 -11.77
C ALA A 66 7.73 -0.82 -12.31
N GLU A 67 9.06 -0.69 -12.25
CA GLU A 67 9.96 -1.71 -12.76
C GLU A 67 10.16 -2.75 -11.66
N ASP A 68 10.56 -3.96 -12.07
CA ASP A 68 10.89 -4.97 -11.09
C ASP A 68 11.95 -4.45 -10.12
N ASP A 69 12.90 -3.63 -10.57
N ASP A 69 12.87 -3.61 -10.62
CA ASP A 69 13.98 -3.23 -9.67
CA ASP A 69 14.00 -3.12 -9.84
C ASP A 69 13.57 -2.01 -8.84
C ASP A 69 13.57 -2.03 -8.86
N ASP A 70 12.29 -1.63 -8.91
CA ASP A 70 11.74 -0.60 -8.05
C ASP A 70 11.20 -1.21 -6.76
N GLU A 71 11.36 -2.52 -6.62
CA GLU A 71 10.81 -3.28 -5.50
C GLU A 71 11.23 -2.76 -4.12
N SER A 72 12.54 -2.56 -3.94
N SER A 72 12.52 -2.58 -3.90
CA SER A 72 13.11 -2.12 -2.68
CA SER A 72 12.96 -2.17 -2.57
C SER A 72 12.60 -0.73 -2.33
C SER A 72 12.61 -0.71 -2.30
N LEU A 73 12.47 0.12 -3.35
CA LEU A 73 12.03 1.51 -3.20
C LEU A 73 10.57 1.54 -2.74
N LEU A 74 9.72 0.69 -3.32
CA LEU A 74 8.32 0.65 -2.96
C LEU A 74 8.20 0.16 -1.52
N GLY A 75 8.97 -0.88 -1.18
CA GLY A 75 9.09 -1.33 0.19
C GLY A 75 9.49 -0.23 1.16
N HIS A 76 10.49 0.57 0.75
CA HIS A 76 11.00 1.63 1.59
C HIS A 76 9.87 2.64 1.87
N LEU A 77 8.98 2.89 0.90
CA LEU A 77 7.89 3.84 1.12
C LEU A 77 7.04 3.34 2.30
N MET A 78 6.83 2.01 2.36
CA MET A 78 5.96 1.44 3.36
C MET A 78 6.64 1.42 4.73
N ILE A 79 7.95 1.12 4.77
CA ILE A 79 8.72 1.15 6.01
C ILE A 79 8.76 2.58 6.56
N VAL A 80 9.01 3.57 5.71
CA VAL A 80 9.03 4.97 6.15
C VAL A 80 7.62 5.39 6.58
N GLY A 81 6.60 4.93 5.84
CA GLY A 81 5.22 5.17 6.23
C GLY A 81 4.90 4.74 7.66
N LYS A 82 5.26 3.49 8.02
CA LYS A 82 4.87 2.95 9.30
C LYS A 82 5.72 3.59 10.39
N LYS A 83 6.98 3.93 10.07
CA LYS A 83 7.80 4.65 11.03
C LYS A 83 7.23 6.03 11.30
N CYS A 84 6.86 6.78 10.25
CA CYS A 84 6.30 8.11 10.46
C CYS A 84 4.98 8.03 11.23
N ALA A 85 4.15 7.01 10.94
CA ALA A 85 2.87 6.85 11.61
C ALA A 85 3.11 6.73 13.11
N ALA A 86 4.13 5.92 13.48
CA ALA A 86 4.50 5.72 14.87
C ALA A 86 5.04 7.02 15.47
N ASP A 87 5.93 7.71 14.76
CA ASP A 87 6.43 8.98 15.25
C ASP A 87 5.33 10.03 15.43
N LEU A 88 4.23 9.95 14.66
CA LEU A 88 3.12 10.88 14.82
C LEU A 88 2.12 10.37 15.86
N GLY A 89 2.39 9.24 16.50
CA GLY A 89 1.53 8.81 17.59
C GLY A 89 0.21 8.18 17.14
N LEU A 90 0.17 7.55 15.96
CA LEU A 90 -0.99 6.79 15.50
C LEU A 90 -0.99 5.38 16.09
N ASN A 91 -1.25 5.34 17.40
N ASN A 91 -1.08 5.30 17.42
CA ASN A 91 -1.19 4.14 18.21
CA ASN A 91 -0.80 4.09 18.18
C ASN A 91 -2.32 3.18 17.81
C ASN A 91 -1.99 3.13 18.10
N LYS A 92 -3.55 3.70 17.61
N LYS A 92 -3.12 3.59 17.55
CA LYS A 92 -4.69 2.85 17.35
CA LYS A 92 -4.32 2.75 17.45
C LYS A 92 -4.70 2.30 15.92
C LYS A 92 -4.55 2.25 16.03
N GLY A 93 -3.73 2.72 15.07
CA GLY A 93 -3.63 2.14 13.75
C GLY A 93 -3.81 3.18 12.65
N TYR A 94 -3.86 2.68 11.39
CA TYR A 94 -3.91 3.53 10.21
C TYR A 94 -4.17 2.69 8.97
N ARG A 95 -4.40 3.38 7.85
CA ARG A 95 -4.63 2.78 6.55
C ARG A 95 -3.64 3.36 5.55
N MET A 96 -2.99 2.48 4.81
CA MET A 96 -2.08 2.86 3.73
C MET A 96 -2.79 2.62 2.40
N VAL A 97 -2.74 3.59 1.48
CA VAL A 97 -3.41 3.48 0.19
C VAL A 97 -2.49 3.89 -0.96
N VAL A 98 -2.49 3.11 -2.04
CA VAL A 98 -1.90 3.56 -3.31
C VAL A 98 -3.02 3.52 -4.36
N ASN A 99 -3.18 4.63 -5.07
CA ASN A 99 -4.21 4.75 -6.11
C ASN A 99 -3.59 4.66 -7.50
N GLU A 100 -4.20 3.86 -8.40
CA GLU A 100 -3.72 3.65 -9.75
C GLU A 100 -4.81 4.03 -10.75
N GLY A 101 -4.52 5.02 -11.58
CA GLY A 101 -5.31 5.33 -12.74
C GLY A 101 -6.68 5.85 -12.34
N SER A 102 -7.62 5.72 -13.31
CA SER A 102 -8.87 6.43 -13.25
C SER A 102 -9.80 5.79 -12.21
N ASP A 103 -9.89 4.47 -12.22
CA ASP A 103 -10.72 3.76 -11.25
C ASP A 103 -10.17 3.91 -9.82
N GLY A 104 -8.86 4.16 -9.67
CA GLY A 104 -8.25 4.31 -8.36
C GLY A 104 -8.41 5.73 -7.82
N GLY A 105 -8.74 6.65 -8.73
CA GLY A 105 -8.90 8.06 -8.40
C GLY A 105 -7.60 8.84 -8.46
N GLN A 106 -6.55 8.30 -9.11
CA GLN A 106 -5.24 8.95 -9.15
C GLN A 106 -5.32 10.31 -9.87
N SER A 107 -4.87 11.37 -9.19
CA SER A 107 -4.91 12.76 -9.65
C SER A 107 -3.51 13.29 -9.97
N VAL A 108 -2.49 12.77 -9.28
CA VAL A 108 -1.11 13.19 -9.48
C VAL A 108 -0.30 11.98 -9.93
N TYR A 109 0.36 12.10 -11.10
CA TYR A 109 1.00 10.96 -11.75
C TYR A 109 2.46 10.90 -11.34
N HIS A 110 2.64 10.78 -10.03
CA HIS A 110 3.91 10.44 -9.39
C HIS A 110 3.53 9.50 -8.27
N VAL A 111 4.14 8.31 -8.24
CA VAL A 111 3.75 7.24 -7.33
C VAL A 111 3.73 7.78 -5.90
N HIS A 112 2.71 7.45 -5.11
CA HIS A 112 2.69 7.88 -3.71
C HIS A 112 1.84 6.94 -2.87
N LEU A 113 2.25 6.85 -1.58
CA LEU A 113 1.56 6.09 -0.56
C LEU A 113 0.87 7.06 0.40
N HIS A 114 -0.46 6.95 0.50
CA HIS A 114 -1.21 7.67 1.53
C HIS A 114 -1.14 6.90 2.85
N VAL A 115 -1.05 7.65 3.95
CA VAL A 115 -1.17 7.07 5.28
C VAL A 115 -2.22 7.90 6.00
N LEU A 116 -3.31 7.27 6.44
CA LEU A 116 -4.45 7.94 7.05
C LEU A 116 -4.70 7.36 8.45
N GLY A 117 -4.92 8.24 9.42
CA GLY A 117 -5.21 7.79 10.76
C GLY A 117 -5.80 8.87 11.65
N GLY A 118 -5.97 8.54 12.93
CA GLY A 118 -6.54 9.43 13.91
C GLY A 118 -8.06 9.32 14.02
N ARG A 119 -8.65 8.37 13.27
CA ARG A 119 -10.05 8.02 13.42
C ARG A 119 -10.24 6.58 12.95
N GLN A 120 -11.44 6.04 13.23
CA GLN A 120 -11.84 4.75 12.71
C GLN A 120 -12.02 4.87 11.20
N MET A 121 -11.25 4.09 10.46
CA MET A 121 -11.40 3.94 9.02
C MET A 121 -12.48 2.89 8.75
N HIS A 122 -13.29 3.09 7.70
CA HIS A 122 -14.42 2.24 7.38
C HIS A 122 -14.10 1.29 6.22
N TRP A 123 -14.99 0.31 6.02
CA TRP A 123 -14.92 -0.67 4.96
C TRP A 123 -16.23 -0.60 4.18
N PRO A 124 -16.25 -0.63 2.83
CA PRO A 124 -15.05 -0.74 2.01
C PRO A 124 -14.20 0.54 1.98
N PRO A 125 -12.94 0.42 1.52
CA PRO A 125 -12.03 1.58 1.46
C PRO A 125 -12.29 2.43 0.21
N GLY A 126 -13.47 3.09 0.20
CA GLY A 126 -14.01 3.71 -0.99
C GLY A 126 -14.55 2.69 -1.99
N GLY B 15 1.82 -18.98 10.32
CA GLY B 15 0.45 -18.45 10.55
C GLY B 15 -0.45 -19.31 11.46
N ASP B 16 -0.61 -18.83 12.70
CA ASP B 16 -1.78 -19.13 13.52
C ASP B 16 -2.95 -18.21 13.10
N THR B 17 -3.08 -17.94 11.80
CA THR B 17 -4.28 -17.28 11.30
C THR B 17 -4.86 -18.12 10.18
N ILE B 18 -6.07 -17.72 9.76
CA ILE B 18 -6.68 -18.32 8.59
C ILE B 18 -5.79 -18.15 7.35
N PHE B 19 -4.96 -17.10 7.30
CA PHE B 19 -4.13 -16.90 6.12
C PHE B 19 -2.95 -17.89 6.18
N GLY B 20 -2.55 -18.26 7.38
CA GLY B 20 -1.59 -19.34 7.58
C GLY B 20 -2.10 -20.64 7.00
N LYS B 21 -3.38 -20.95 7.27
N LYS B 21 -3.39 -20.93 7.27
CA LYS B 21 -4.01 -22.16 6.77
CA LYS B 21 -4.04 -22.14 6.78
C LYS B 21 -4.11 -22.10 5.24
C LYS B 21 -4.12 -22.10 5.26
N ILE B 22 -4.32 -20.90 4.69
CA ILE B 22 -4.38 -20.76 3.25
C ILE B 22 -3.01 -21.06 2.64
N ILE B 23 -1.95 -20.46 3.21
CA ILE B 23 -0.59 -20.70 2.76
C ILE B 23 -0.26 -22.20 2.84
N ARG B 24 -0.68 -22.89 3.91
CA ARG B 24 -0.33 -24.28 4.13
C ARG B 24 -1.20 -25.20 3.27
N LYS B 25 -2.18 -24.61 2.55
CA LYS B 25 -3.08 -25.31 1.63
C LYS B 25 -4.04 -26.20 2.40
N GLU B 26 -4.28 -25.83 3.66
CA GLU B 26 -5.17 -26.58 4.54
C GLU B 26 -6.63 -26.22 4.31
N ILE B 27 -6.92 -25.02 3.79
CA ILE B 27 -8.29 -24.71 3.41
C ILE B 27 -8.29 -24.16 2.00
N PRO B 28 -9.44 -24.22 1.29
CA PRO B 28 -9.57 -23.67 -0.04
C PRO B 28 -9.43 -22.16 -0.12
N ALA B 29 -8.86 -21.71 -1.23
CA ALA B 29 -8.83 -20.34 -1.69
C ALA B 29 -8.56 -20.37 -3.18
N LYS B 30 -9.09 -19.38 -3.91
N LYS B 30 -9.07 -19.38 -3.90
CA LYS B 30 -8.83 -19.24 -5.33
CA LYS B 30 -8.80 -19.29 -5.32
C LYS B 30 -7.49 -18.53 -5.53
C LYS B 30 -7.49 -18.55 -5.52
N ILE B 31 -6.43 -19.32 -5.79
CA ILE B 31 -5.07 -18.80 -5.91
C ILE B 31 -4.87 -18.24 -7.31
N ILE B 32 -4.29 -17.04 -7.35
CA ILE B 32 -4.03 -16.29 -8.57
C ILE B 32 -2.56 -16.46 -8.93
N PHE B 33 -1.68 -16.38 -7.93
CA PHE B 33 -0.25 -16.45 -8.16
C PHE B 33 0.44 -16.93 -6.89
N GLU B 34 1.55 -17.64 -7.08
CA GLU B 34 2.36 -18.08 -5.96
C GLU B 34 3.83 -18.08 -6.39
N ASP B 35 4.74 -17.72 -5.45
CA ASP B 35 6.15 -17.94 -5.62
C ASP B 35 6.69 -18.46 -4.30
N ASP B 36 8.00 -18.34 -4.11
CA ASP B 36 8.63 -18.95 -2.97
C ASP B 36 8.37 -18.11 -1.71
N ARG B 37 7.91 -16.86 -1.86
CA ARG B 37 7.86 -15.93 -0.73
C ARG B 37 6.50 -15.22 -0.59
N CYS B 38 5.56 -15.41 -1.51
CA CYS B 38 4.26 -14.75 -1.35
C CYS B 38 3.18 -15.55 -2.08
N LEU B 39 1.92 -15.18 -1.82
CA LEU B 39 0.75 -15.84 -2.37
C LEU B 39 -0.30 -14.78 -2.67
N ALA B 40 -0.90 -14.81 -3.86
CA ALA B 40 -2.02 -13.94 -4.17
C ALA B 40 -3.29 -14.76 -4.40
N PHE B 41 -4.39 -14.33 -3.77
CA PHE B 41 -5.66 -15.04 -3.90
C PHE B 41 -6.85 -14.08 -3.74
N HIS B 42 -7.98 -14.51 -4.30
CA HIS B 42 -9.18 -13.70 -4.29
C HIS B 42 -9.73 -13.64 -2.87
N ASP B 43 -10.21 -12.46 -2.48
CA ASP B 43 -10.76 -12.25 -1.15
C ASP B 43 -12.12 -12.93 -1.08
N ILE B 44 -12.41 -13.54 0.08
CA ILE B 44 -13.64 -14.30 0.24
C ILE B 44 -14.85 -13.37 0.41
N SER B 45 -14.62 -12.10 0.77
N SER B 45 -14.65 -12.11 0.83
CA SER B 45 -15.66 -11.12 1.00
CA SER B 45 -15.71 -11.13 0.95
C SER B 45 -15.42 -9.91 0.09
C SER B 45 -15.36 -9.93 0.08
N PRO B 46 -15.50 -10.05 -1.25
CA PRO B 46 -15.03 -9.00 -2.15
C PRO B 46 -15.85 -7.72 -2.07
N GLN B 47 -15.14 -6.59 -2.12
CA GLN B 47 -15.76 -5.26 -2.05
C GLN B 47 -15.72 -4.53 -3.38
N ALA B 48 -15.25 -5.21 -4.42
CA ALA B 48 -15.26 -4.71 -5.78
C ALA B 48 -15.39 -5.91 -6.71
N PRO B 49 -15.69 -5.72 -8.01
CA PRO B 49 -15.75 -6.83 -8.96
C PRO B 49 -14.47 -7.67 -8.99
N THR B 50 -13.33 -6.99 -8.82
CA THR B 50 -12.08 -7.67 -8.51
C THR B 50 -11.55 -7.18 -7.16
N HIS B 51 -11.25 -8.13 -6.27
CA HIS B 51 -10.75 -7.86 -4.93
C HIS B 51 -9.92 -9.06 -4.53
N PHE B 52 -8.61 -8.89 -4.58
CA PHE B 52 -7.71 -9.96 -4.16
C PHE B 52 -6.69 -9.45 -3.12
N LEU B 53 -5.95 -10.40 -2.55
CA LEU B 53 -4.96 -10.15 -1.52
C LEU B 53 -3.63 -10.69 -2.01
N VAL B 54 -2.55 -10.04 -1.59
CA VAL B 54 -1.19 -10.54 -1.75
C VAL B 54 -0.57 -10.54 -0.35
N ILE B 55 -0.10 -11.71 0.08
CA ILE B 55 0.43 -11.85 1.42
C ILE B 55 1.84 -12.43 1.36
N PRO B 56 2.74 -12.10 2.31
CA PRO B 56 4.01 -12.81 2.44
C PRO B 56 3.81 -14.19 3.07
N LYS B 57 4.65 -15.15 2.70
CA LYS B 57 4.60 -16.44 3.37
C LYS B 57 5.18 -16.31 4.79
N LYS B 58 6.11 -15.38 4.98
CA LYS B 58 6.65 -15.11 6.31
C LYS B 58 5.55 -14.46 7.16
N HIS B 59 5.40 -14.92 8.41
CA HIS B 59 4.35 -14.42 9.27
C HIS B 59 4.77 -13.10 9.90
N ILE B 60 4.57 -12.01 9.18
CA ILE B 60 4.62 -10.68 9.76
C ILE B 60 3.18 -10.35 10.20
N SER B 61 2.97 -10.14 11.50
CA SER B 61 1.62 -9.99 12.02
C SER B 61 0.93 -8.69 11.56
N GLN B 62 1.70 -7.61 11.41
CA GLN B 62 1.16 -6.32 11.02
C GLN B 62 2.29 -5.42 10.55
N ILE B 63 1.94 -4.41 9.75
CA ILE B 63 2.95 -3.62 9.08
C ILE B 63 3.73 -2.86 10.15
N SER B 64 3.08 -2.47 11.25
CA SER B 64 3.77 -1.69 12.28
C SER B 64 5.01 -2.43 12.80
N VAL B 65 5.04 -3.78 12.73
CA VAL B 65 6.15 -4.54 13.32
C VAL B 65 7.05 -5.12 12.22
N ALA B 66 6.85 -4.72 10.96
CA ALA B 66 7.77 -5.14 9.91
C ALA B 66 9.19 -4.60 10.18
N GLU B 67 10.19 -5.38 9.78
CA GLU B 67 11.59 -5.09 10.05
C GLU B 67 12.20 -4.43 8.83
N ASP B 68 13.29 -3.72 9.03
CA ASP B 68 13.95 -3.02 7.94
C ASP B 68 14.33 -3.97 6.79
N ASP B 69 14.77 -5.19 7.08
CA ASP B 69 15.23 -5.96 5.93
C ASP B 69 14.06 -6.74 5.31
N ASP B 70 12.83 -6.47 5.77
CA ASP B 70 11.64 -6.93 5.07
C ASP B 70 11.23 -5.97 3.97
N GLU B 71 11.93 -4.84 3.86
N GLU B 71 12.07 -4.97 3.67
CA GLU B 71 11.59 -3.78 2.93
CA GLU B 71 11.78 -3.93 2.70
C GLU B 71 11.31 -4.35 1.54
C GLU B 71 11.58 -4.49 1.29
N SER B 72 12.27 -5.15 1.03
N SER B 72 12.49 -5.32 0.78
CA SER B 72 12.23 -5.68 -0.33
CA SER B 72 12.30 -5.78 -0.57
C SER B 72 11.03 -6.61 -0.52
C SER B 72 11.10 -6.75 -0.63
N LEU B 73 10.82 -7.49 0.46
CA LEU B 73 9.66 -8.38 0.47
C LEU B 73 8.34 -7.60 0.38
N LEU B 74 8.23 -6.50 1.13
CA LEU B 74 7.01 -5.70 1.12
C LEU B 74 6.82 -5.09 -0.26
N GLY B 75 7.92 -4.63 -0.85
CA GLY B 75 7.96 -4.15 -2.22
C GLY B 75 7.49 -5.20 -3.24
N HIS B 76 7.98 -6.46 -3.05
CA HIS B 76 7.58 -7.61 -3.85
C HIS B 76 6.07 -7.81 -3.84
N LEU B 77 5.40 -7.65 -2.68
CA LEU B 77 3.95 -7.76 -2.61
C LEU B 77 3.28 -6.80 -3.61
N MET B 78 3.79 -5.56 -3.68
N MET B 78 3.77 -5.54 -3.64
CA MET B 78 3.17 -4.54 -4.50
CA MET B 78 3.19 -4.50 -4.48
C MET B 78 3.44 -4.79 -5.98
C MET B 78 3.43 -4.82 -5.96
N ILE B 79 4.67 -5.23 -6.30
CA ILE B 79 4.99 -5.60 -7.68
C ILE B 79 4.13 -6.79 -8.14
N VAL B 80 4.02 -7.81 -7.29
CA VAL B 80 3.20 -8.98 -7.59
C VAL B 80 1.74 -8.56 -7.74
N GLY B 81 1.31 -7.65 -6.87
CA GLY B 81 -0.04 -7.12 -6.95
C GLY B 81 -0.31 -6.40 -8.27
N LYS B 82 0.61 -5.54 -8.70
CA LYS B 82 0.36 -4.79 -9.93
C LYS B 82 0.43 -5.72 -11.17
N LYS B 83 1.25 -6.76 -11.14
CA LYS B 83 1.27 -7.76 -12.20
C LYS B 83 0.00 -8.60 -12.23
N CYS B 84 -0.49 -9.05 -11.08
CA CYS B 84 -1.77 -9.76 -11.04
C CYS B 84 -2.90 -8.86 -11.53
N ALA B 85 -2.89 -7.59 -11.13
CA ALA B 85 -3.92 -6.65 -11.57
C ALA B 85 -3.99 -6.61 -13.10
N ALA B 86 -2.82 -6.47 -13.74
CA ALA B 86 -2.75 -6.41 -15.20
C ALA B 86 -3.30 -7.70 -15.79
N ASP B 87 -2.82 -8.85 -15.31
CA ASP B 87 -3.25 -10.17 -15.74
C ASP B 87 -4.77 -10.37 -15.62
N LEU B 88 -5.40 -9.75 -14.62
CA LEU B 88 -6.82 -9.92 -14.38
C LEU B 88 -7.64 -8.89 -15.15
N GLY B 89 -6.98 -8.03 -15.93
CA GLY B 89 -7.68 -7.14 -16.84
C GLY B 89 -8.07 -5.81 -16.19
N LEU B 90 -7.31 -5.32 -15.19
CA LEU B 90 -7.67 -4.08 -14.51
C LEU B 90 -6.99 -2.88 -15.19
N ASN B 91 -7.34 -2.68 -16.46
CA ASN B 91 -6.73 -1.68 -17.31
C ASN B 91 -7.22 -0.26 -17.01
N LYS B 92 -8.40 -0.08 -16.41
CA LYS B 92 -8.87 1.25 -16.03
C LYS B 92 -8.36 1.71 -14.66
N GLY B 93 -7.67 0.81 -13.93
CA GLY B 93 -6.99 1.19 -12.72
C GLY B 93 -7.47 0.39 -11.50
N TYR B 94 -6.93 0.74 -10.31
CA TYR B 94 -7.24 0.01 -9.10
C TYR B 94 -6.78 0.78 -7.87
N ARG B 95 -7.08 0.20 -6.70
CA ARG B 95 -6.63 0.71 -5.42
C ARG B 95 -5.95 -0.42 -4.62
N MET B 96 -4.79 -0.08 -4.06
CA MET B 96 -4.08 -0.96 -3.14
C MET B 96 -4.22 -0.43 -1.71
N VAL B 97 -4.43 -1.34 -0.75
CA VAL B 97 -4.67 -0.98 0.64
C VAL B 97 -3.95 -1.92 1.59
N VAL B 98 -3.30 -1.35 2.60
CA VAL B 98 -2.82 -2.10 3.76
C VAL B 98 -3.42 -1.48 5.01
N ASN B 99 -4.08 -2.31 5.82
CA ASN B 99 -4.73 -1.88 7.05
C ASN B 99 -3.86 -2.28 8.24
N GLU B 100 -3.73 -1.35 9.19
CA GLU B 100 -3.00 -1.63 10.42
C GLU B 100 -3.88 -1.36 11.63
N GLY B 101 -4.08 -2.38 12.47
CA GLY B 101 -4.64 -2.11 13.79
C GLY B 101 -6.15 -1.84 13.72
N SER B 102 -6.70 -1.43 14.86
N SER B 102 -6.74 -1.42 14.84
CA SER B 102 -8.13 -1.31 15.04
CA SER B 102 -8.19 -1.37 14.94
C SER B 102 -8.69 -0.18 14.17
C SER B 102 -8.72 -0.17 14.16
N ASP B 103 -8.08 1.01 14.27
CA ASP B 103 -8.48 2.15 13.47
C ASP B 103 -8.36 1.84 11.97
N GLY B 104 -7.32 1.10 11.60
CA GLY B 104 -7.10 0.73 10.21
C GLY B 104 -8.09 -0.30 9.70
N GLY B 105 -8.75 -1.02 10.62
CA GLY B 105 -9.73 -2.04 10.28
C GLY B 105 -9.06 -3.33 9.82
N GLN B 106 -7.89 -3.61 10.38
CA GLN B 106 -7.15 -4.81 10.00
C GLN B 106 -7.88 -6.02 10.57
N SER B 107 -8.29 -6.94 9.69
CA SER B 107 -9.20 -8.01 10.05
C SER B 107 -8.47 -9.32 10.38
N VAL B 108 -7.22 -9.50 9.90
CA VAL B 108 -6.38 -10.68 10.12
C VAL B 108 -4.98 -10.19 10.45
N TYR B 109 -4.39 -10.72 11.54
CA TYR B 109 -3.06 -10.33 11.98
C TYR B 109 -2.02 -11.15 11.24
N HIS B 110 -2.06 -11.00 9.90
CA HIS B 110 -1.03 -11.46 8.98
C HIS B 110 -1.03 -10.40 7.89
N VAL B 111 0.09 -9.73 7.65
CA VAL B 111 0.17 -8.61 6.69
C VAL B 111 -0.45 -9.02 5.34
N HIS B 112 -1.35 -8.19 4.81
CA HIS B 112 -1.90 -8.40 3.49
C HIS B 112 -2.11 -7.08 2.77
N LEU B 113 -1.78 -7.12 1.47
CA LEU B 113 -2.06 -6.04 0.53
C LEU B 113 -3.39 -6.35 -0.18
N HIS B 114 -4.41 -5.50 -0.01
CA HIS B 114 -5.62 -5.57 -0.82
C HIS B 114 -5.36 -4.93 -2.19
N VAL B 115 -5.96 -5.50 -3.24
CA VAL B 115 -6.01 -4.89 -4.54
C VAL B 115 -7.46 -4.94 -5.05
N LEU B 116 -8.08 -3.77 -5.23
CA LEU B 116 -9.47 -3.67 -5.63
C LEU B 116 -9.61 -2.90 -6.93
N GLY B 117 -10.48 -3.40 -7.80
CA GLY B 117 -10.77 -2.72 -9.06
C GLY B 117 -12.05 -3.23 -9.71
N GLY B 118 -12.28 -2.74 -10.92
CA GLY B 118 -13.45 -3.13 -11.68
C GLY B 118 -14.66 -2.23 -11.42
N ARG B 119 -14.48 -1.20 -10.58
CA ARG B 119 -15.44 -0.12 -10.43
C ARG B 119 -14.67 1.13 -10.03
N GLN B 120 -15.37 2.27 -10.06
CA GLN B 120 -14.84 3.50 -9.49
C GLN B 120 -14.65 3.34 -7.98
N MET B 121 -13.41 3.55 -7.54
CA MET B 121 -13.11 3.61 -6.12
C MET B 121 -13.28 5.07 -5.67
N HIS B 122 -13.86 5.29 -4.50
CA HIS B 122 -14.27 6.64 -4.09
C HIS B 122 -13.25 7.22 -3.09
N TRP B 123 -13.52 8.47 -2.69
CA TRP B 123 -12.73 9.24 -1.75
C TRP B 123 -13.70 9.89 -0.76
N PRO B 124 -13.49 9.80 0.56
CA PRO B 124 -12.27 9.20 1.13
C PRO B 124 -12.21 7.68 1.04
N PRO B 125 -11.03 7.05 1.34
CA PRO B 125 -10.89 5.60 1.22
C PRO B 125 -11.32 4.87 2.48
N GLY B 126 -12.59 5.05 2.87
CA GLY B 126 -13.04 4.69 4.21
C GLY B 126 -12.78 5.81 5.21
C2 XKK C . 0.24 18.68 -0.74
C4 XKK C . -1.03 17.75 -2.38
C5 XKK C . -0.81 18.78 -3.30
C6 XKK C . 0.02 19.85 -2.89
N3 XKK C . -0.56 17.68 -1.13
O2 XKK C . -4.45 9.34 -5.20
O5' XKK C . -3.38 11.42 -4.30
C5' XKK C . -2.89 12.78 -4.55
C4' XKK C . -2.89 13.51 -3.24
O4' XKK C . -1.94 14.57 -3.33
C3' XKK C . -4.24 14.08 -2.78
O3' XKK C . -4.62 13.46 -1.56
C2' XKK C . -3.97 15.59 -2.73
O2' XKK C . -4.69 16.26 -1.71
N9 XKK C . -1.85 16.84 -3.04
C8 XKK C . -2.07 17.37 -4.30
N7 XKK C . -1.47 18.53 -4.47
N6 XKK C . 0.43 20.97 -3.49
N1 XKK C . 0.51 19.77 -1.58
C9 XKK C . 1.20 21.62 -2.55
C10 XKK C . 1.28 20.92 -1.39
N2 XKK C . 0.77 18.66 0.47
S1 XKK C . -4.00 10.63 -5.55
O3 XKK C . -3.28 10.92 -6.75
N4 XKK C . -5.18 11.80 -5.86
C7 XKK C . -6.43 11.88 -5.46
C11 XKK C . -7.02 10.60 -4.93
C12 XKK C . -8.31 10.94 -4.20
C13 XKK C . -9.50 11.31 -5.04
C14 XKK C . -10.50 10.37 -5.50
C15 XKK C . -11.51 11.13 -6.14
N16 XKK C . -11.14 12.45 -6.05
C17 XKK C . -9.96 12.55 -5.37
O24 XKK C . -7.07 12.91 -5.49
C25 XKK C . -10.64 8.99 -5.44
C26 XKK C . -11.75 8.40 -6.01
C27 XKK C . -12.72 9.17 -6.66
C28 XKK C . -12.62 10.54 -6.74
C16 XKK C . -2.45 15.62 -2.54
#